data_1Y6J
#
_entry.id   1Y6J
#
_cell.length_a   73.360
_cell.length_b   73.360
_cell.length_c   191.730
_cell.angle_alpha   90.00
_cell.angle_beta   90.00
_cell.angle_gamma   90.00
#
_symmetry.space_group_name_H-M   'P 41 21 2'
#
_entity_poly.entity_id   1
_entity_poly.type   'polypeptide(L)'
_entity_poly.pdbx_seq_one_letter_code
;MEMVKSRSKVAIIGAGFVGASAAFTMALRQTANELVLIDVFKEKAIGEAMDINHGLPFMGQMSLYAGDYSDVKDCDVIVV
TAGANRKPGETRLDLAKKNVMIAKEVTQNIMKYYNHGVILVVSNPVDIITYMIQKWSGLPVGKVIGSGTVLDSIRFRYLL
SEKLGVDVKNVHGYIIGEHGDSQLPLWSCTHIAGKNINEYIDDPKCNFTEEDKKKIAEDVKTAGATIIKNKGATYYGIAV
SINTIVETLLKNQNTIRTVGTVINGMYGIEDVAISLPSIVNSEGVQEVLQFNLTPEEEEALRFSAEQVKKVLNEVKNL
;
_entity_poly.pdbx_strand_id   A
#
# COMPACT_ATOMS: atom_id res chain seq x y z
N ARG A 7 14.86 -18.56 2.17
CA ARG A 7 14.86 -17.44 3.16
C ARG A 7 13.51 -16.71 3.41
N SER A 8 13.02 -15.96 2.43
CA SER A 8 11.77 -15.18 2.56
C SER A 8 10.52 -16.03 2.40
N LYS A 9 9.39 -15.50 2.89
CA LYS A 9 8.12 -16.19 2.80
C LYS A 9 7.02 -15.17 2.91
N VAL A 10 6.19 -15.08 1.87
CA VAL A 10 5.09 -14.12 1.87
C VAL A 10 3.77 -14.86 1.74
N ALA A 11 2.75 -14.35 2.40
CA ALA A 11 1.44 -14.96 2.35
C ALA A 11 0.44 -13.93 1.88
N ILE A 12 -0.29 -14.27 0.83
CA ILE A 12 -1.28 -13.35 0.32
C ILE A 12 -2.65 -13.85 0.67
N ILE A 13 -3.41 -13.00 1.35
CA ILE A 13 -4.78 -13.34 1.78
C ILE A 13 -5.77 -12.85 0.72
N GLY A 14 -6.46 -13.81 0.11
CA GLY A 14 -7.43 -13.51 -0.92
C GLY A 14 -6.89 -13.86 -2.30
N ALA A 15 -7.56 -14.79 -2.97
CA ALA A 15 -7.14 -15.22 -4.31
C ALA A 15 -7.88 -14.49 -5.44
N GLY A 16 -8.49 -13.36 -5.10
CA GLY A 16 -9.22 -12.58 -6.11
C GLY A 16 -8.29 -12.10 -7.22
N PHE A 17 -8.83 -11.39 -8.20
CA PHE A 17 -7.97 -10.93 -9.27
C PHE A 17 -6.76 -10.24 -8.73
N VAL A 18 -6.91 -9.57 -7.60
CA VAL A 18 -5.79 -8.87 -7.02
C VAL A 18 -4.83 -9.88 -6.39
N GLY A 19 -5.35 -10.70 -5.48
CA GLY A 19 -4.51 -11.70 -4.85
C GLY A 19 -3.77 -12.48 -5.91
N ALA A 20 -4.50 -12.89 -6.93
CA ALA A 20 -3.93 -13.66 -8.03
C ALA A 20 -2.82 -12.90 -8.77
N SER A 21 -3.17 -11.71 -9.29
CA SER A 21 -2.24 -10.85 -10.02
C SER A 21 -0.96 -10.70 -9.21
N ALA A 22 -1.13 -10.17 -8.01
CA ALA A 22 -0.03 -9.95 -7.07
C ALA A 22 0.91 -11.13 -7.08
N ALA A 23 0.35 -12.29 -6.79
CA ALA A 23 1.10 -13.53 -6.76
C ALA A 23 1.82 -13.74 -8.10
N PHE A 24 1.06 -13.67 -9.18
CA PHE A 24 1.59 -13.84 -10.52
C PHE A 24 2.73 -12.89 -10.78
N THR A 25 2.62 -11.67 -10.28
CA THR A 25 3.68 -10.71 -10.51
C THR A 25 4.93 -11.04 -9.73
N MET A 26 4.78 -11.31 -8.44
CA MET A 26 5.97 -11.65 -7.68
C MET A 26 6.38 -13.10 -7.96
N ALA A 27 5.82 -13.69 -9.01
CA ALA A 27 6.16 -15.06 -9.38
C ALA A 27 7.09 -14.91 -10.58
N LEU A 28 6.77 -13.96 -11.44
CA LEU A 28 7.57 -13.65 -12.61
C LEU A 28 8.84 -13.00 -12.10
N ARG A 29 8.70 -12.06 -11.18
CA ARG A 29 9.84 -11.38 -10.61
C ARG A 29 10.49 -12.21 -9.50
N GLN A 30 9.87 -13.33 -9.15
CA GLN A 30 10.37 -14.20 -8.10
C GLN A 30 10.91 -13.40 -6.91
N THR A 31 10.05 -12.54 -6.37
CA THR A 31 10.41 -11.67 -5.27
C THR A 31 10.65 -12.40 -3.94
N ALA A 32 9.95 -13.50 -3.68
CA ALA A 32 10.18 -14.21 -2.42
C ALA A 32 10.54 -15.66 -2.64
N ASN A 33 11.06 -16.32 -1.60
CA ASN A 33 11.44 -17.72 -1.72
C ASN A 33 10.22 -18.61 -1.58
N GLU A 34 9.25 -18.15 -0.81
CA GLU A 34 8.06 -18.93 -0.65
C GLU A 34 6.87 -18.00 -0.62
N LEU A 35 5.80 -18.42 -1.28
CA LEU A 35 4.58 -17.63 -1.33
C LEU A 35 3.38 -18.52 -1.07
N VAL A 36 2.53 -18.07 -0.17
CA VAL A 36 1.34 -18.83 0.19
C VAL A 36 0.06 -18.11 -0.18
N LEU A 37 -0.85 -18.84 -0.77
CA LEU A 37 -2.14 -18.27 -1.14
C LEU A 37 -3.18 -18.65 -0.09
N ILE A 38 -3.41 -17.78 0.89
CA ILE A 38 -4.40 -18.09 1.89
C ILE A 38 -5.70 -17.62 1.29
N ASP A 39 -6.75 -18.41 1.39
CA ASP A 39 -7.97 -17.97 0.78
C ASP A 39 -9.15 -17.76 1.71
N VAL A 40 -10.21 -17.17 1.16
CA VAL A 40 -11.45 -16.94 1.90
C VAL A 40 -12.71 -17.21 1.03
N PHE A 41 -12.46 -17.61 -0.23
CA PHE A 41 -13.46 -17.92 -1.27
C PHE A 41 -14.74 -17.10 -1.27
N ALA A 45 -8.45 -20.19 -5.47
CA ALA A 45 -7.55 -20.39 -4.33
C ALA A 45 -6.41 -21.35 -4.62
N ILE A 46 -6.75 -22.61 -4.88
CA ILE A 46 -5.76 -23.63 -5.18
C ILE A 46 -5.53 -23.61 -6.66
N GLY A 47 -6.63 -23.53 -7.40
CA GLY A 47 -6.55 -23.51 -8.85
C GLY A 47 -5.80 -22.30 -9.33
N GLU A 48 -5.98 -21.17 -8.65
CA GLU A 48 -5.31 -19.93 -9.03
C GLU A 48 -3.80 -20.07 -8.92
N ALA A 49 -3.36 -20.91 -7.99
CA ALA A 49 -1.95 -21.17 -7.76
C ALA A 49 -1.39 -22.10 -8.85
N MET A 50 -2.18 -23.10 -9.24
CA MET A 50 -1.79 -24.08 -10.27
C MET A 50 -1.59 -23.37 -11.62
N ASP A 51 -2.49 -22.44 -11.97
CA ASP A 51 -2.36 -21.75 -13.23
C ASP A 51 -1.04 -20.98 -13.23
N ILE A 52 -0.72 -20.33 -12.12
CA ILE A 52 0.53 -19.58 -12.02
C ILE A 52 1.72 -20.54 -12.07
N ASN A 53 1.60 -21.69 -11.42
CA ASN A 53 2.68 -22.68 -11.41
C ASN A 53 2.91 -23.32 -12.75
N HIS A 54 2.08 -22.99 -13.73
CA HIS A 54 2.22 -23.51 -15.07
C HIS A 54 3.53 -22.94 -15.66
N GLY A 55 3.83 -21.66 -15.41
CA GLY A 55 5.10 -21.09 -15.85
C GLY A 55 5.98 -21.51 -14.69
N LEU A 56 6.38 -22.79 -14.71
CA LEU A 56 7.17 -23.50 -13.69
C LEU A 56 8.52 -23.05 -13.15
N PRO A 57 9.37 -22.50 -14.03
CA PRO A 57 10.70 -22.03 -13.61
C PRO A 57 10.73 -21.06 -12.41
N PHE A 58 10.63 -21.61 -11.20
CA PHE A 58 10.69 -20.87 -9.95
C PHE A 58 12.00 -21.29 -9.33
N MET A 59 13.09 -20.86 -9.94
CA MET A 59 14.42 -21.20 -9.45
C MET A 59 14.70 -20.19 -8.35
N GLY A 60 13.88 -20.22 -7.30
CA GLY A 60 14.03 -19.30 -6.19
C GLY A 60 12.69 -18.97 -5.57
N GLN A 61 11.67 -19.76 -5.91
CA GLN A 61 10.34 -19.56 -5.34
C GLN A 61 9.53 -20.86 -5.36
N MET A 62 8.62 -20.98 -4.40
CA MET A 62 7.74 -22.15 -4.26
C MET A 62 6.36 -21.61 -3.94
N SER A 63 5.43 -21.73 -4.88
CA SER A 63 4.06 -21.22 -4.70
C SER A 63 3.15 -22.37 -4.20
N LEU A 64 2.60 -22.22 -2.99
CA LEU A 64 1.71 -23.22 -2.40
C LEU A 64 0.32 -22.60 -2.12
N TYR A 65 -0.49 -23.33 -1.36
CA TYR A 65 -1.86 -22.97 -0.98
C TYR A 65 -1.96 -22.88 0.56
N ASP A 68 -4.12 -21.93 3.62
CA ASP A 68 -4.68 -21.97 4.98
C ASP A 68 -3.93 -21.06 5.98
N TYR A 69 -4.66 -20.28 6.78
CA TYR A 69 -4.06 -19.33 7.73
C TYR A 69 -3.01 -19.89 8.68
N SER A 70 -3.02 -21.18 8.95
CA SER A 70 -2.00 -21.71 9.83
C SER A 70 -0.63 -21.56 9.15
N ASP A 71 -0.61 -21.15 7.89
CA ASP A 71 0.66 -21.00 7.19
C ASP A 71 1.23 -19.58 7.28
N VAL A 72 0.62 -18.74 8.10
CA VAL A 72 1.12 -17.38 8.27
C VAL A 72 2.38 -17.47 9.19
N LYS A 73 2.67 -18.67 9.65
CA LYS A 73 3.83 -18.92 10.50
C LYS A 73 5.09 -18.49 9.77
N ASP A 74 6.01 -17.84 10.49
CA ASP A 74 7.30 -17.44 9.88
C ASP A 74 7.19 -16.60 8.61
N CYS A 75 6.07 -15.92 8.40
CA CYS A 75 5.94 -15.11 7.21
C CYS A 75 6.64 -13.79 7.42
N ASP A 76 7.32 -13.30 6.40
CA ASP A 76 7.97 -12.00 6.55
C ASP A 76 6.94 -10.92 6.30
N VAL A 77 6.05 -11.16 5.34
CA VAL A 77 4.99 -10.20 5.04
C VAL A 77 3.71 -10.99 4.84
N ILE A 78 2.59 -10.34 5.12
CA ILE A 78 1.27 -10.93 4.96
C ILE A 78 0.40 -9.86 4.32
N VAL A 79 0.00 -10.11 3.09
CA VAL A 79 -0.80 -9.16 2.36
C VAL A 79 -2.27 -9.49 2.45
N VAL A 80 -3.06 -8.47 2.70
CA VAL A 80 -4.50 -8.64 2.79
C VAL A 80 -5.13 -7.95 1.59
N THR A 81 -5.68 -8.74 0.67
CA THR A 81 -6.30 -8.19 -0.53
C THR A 81 -7.80 -8.39 -0.53
N ALA A 82 -8.29 -9.06 0.51
CA ALA A 82 -9.71 -9.33 0.68
C ALA A 82 -10.53 -8.04 0.52
N GLY A 83 -11.84 -8.16 0.31
CA GLY A 83 -12.65 -6.97 0.19
C GLY A 83 -13.49 -6.88 -1.08
N ALA A 84 -14.52 -6.05 -1.08
CA ALA A 84 -15.35 -5.96 -2.27
C ALA A 84 -15.27 -4.62 -2.99
N THR A 91 -23.21 4.16 -3.37
CA THR A 91 -23.33 3.20 -2.26
C THR A 91 -21.93 2.97 -1.71
N ARG A 92 -21.11 4.03 -1.70
CA ARG A 92 -19.71 3.91 -1.28
C ARG A 92 -19.34 3.67 0.19
N LEU A 93 -19.72 4.56 1.09
CA LEU A 93 -19.37 4.38 2.49
C LEU A 93 -19.79 2.99 2.97
N ASP A 94 -20.79 2.41 2.33
CA ASP A 94 -21.27 1.08 2.69
C ASP A 94 -20.15 0.07 2.39
N LEU A 95 -19.45 0.32 1.29
CA LEU A 95 -18.34 -0.53 0.88
C LEU A 95 -17.40 -0.65 2.07
N ALA A 96 -16.94 0.50 2.55
CA ALA A 96 -16.03 0.53 3.69
C ALA A 96 -16.58 -0.40 4.78
N LYS A 97 -17.78 -0.07 5.26
CA LYS A 97 -18.44 -0.83 6.31
C LYS A 97 -18.55 -2.31 5.91
N LYS A 98 -18.67 -2.56 4.62
CA LYS A 98 -18.78 -3.92 4.12
C LYS A 98 -17.41 -4.57 4.27
N ASN A 99 -16.40 -3.90 3.74
CA ASN A 99 -15.03 -4.38 3.79
C ASN A 99 -14.50 -4.51 5.21
N VAL A 100 -14.99 -3.64 6.10
CA VAL A 100 -14.56 -3.67 7.49
C VAL A 100 -14.98 -4.99 8.12
N MET A 101 -16.15 -5.49 7.71
CA MET A 101 -16.62 -6.76 8.21
C MET A 101 -15.70 -7.87 7.73
N ILE A 102 -15.47 -7.91 6.42
CA ILE A 102 -14.61 -8.92 5.83
C ILE A 102 -13.25 -8.84 6.55
N ALA A 103 -12.71 -7.62 6.61
CA ALA A 103 -11.42 -7.40 7.23
C ALA A 103 -11.39 -7.94 8.66
N LYS A 104 -12.37 -7.54 9.48
CA LYS A 104 -12.39 -8.01 10.85
C LYS A 104 -12.23 -9.53 10.96
N GLU A 105 -12.94 -10.27 10.13
CA GLU A 105 -12.85 -11.73 10.16
C GLU A 105 -11.47 -12.22 9.79
N VAL A 106 -10.91 -11.61 8.77
CA VAL A 106 -9.59 -12.00 8.29
C VAL A 106 -8.54 -11.76 9.39
N THR A 107 -8.63 -10.60 10.03
CA THR A 107 -7.71 -10.24 11.10
C THR A 107 -7.69 -11.30 12.20
N GLN A 108 -8.87 -11.82 12.54
CA GLN A 108 -9.00 -12.84 13.57
C GLN A 108 -8.18 -14.06 13.16
N ASN A 109 -8.52 -14.60 12.01
CA ASN A 109 -7.84 -15.79 11.50
C ASN A 109 -6.35 -15.60 11.38
N ILE A 110 -5.93 -14.47 10.84
CA ILE A 110 -4.51 -14.22 10.72
C ILE A 110 -3.87 -14.30 12.09
N MET A 111 -4.42 -13.54 13.03
CA MET A 111 -3.87 -13.52 14.36
C MET A 111 -4.00 -14.85 15.10
N LYS A 112 -4.86 -15.74 14.64
CA LYS A 112 -4.97 -17.03 15.31
C LYS A 112 -3.65 -17.76 15.16
N TYR A 113 -2.95 -17.52 14.07
CA TYR A 113 -1.68 -18.21 13.86
C TYR A 113 -0.52 -17.27 13.63
N TYR A 114 -0.79 -15.98 13.77
CA TYR A 114 0.22 -14.96 13.56
C TYR A 114 1.39 -15.05 14.53
N ASN A 115 2.59 -15.10 13.95
CA ASN A 115 3.86 -15.15 14.67
C ASN A 115 4.71 -14.06 14.04
N HIS A 116 5.98 -14.32 13.85
CA HIS A 116 6.84 -13.30 13.23
C HIS A 116 6.30 -12.80 11.86
N GLY A 117 6.12 -11.48 11.66
CA GLY A 117 5.64 -11.01 10.37
C GLY A 117 5.21 -9.54 10.24
N VAL A 118 5.18 -9.02 9.00
CA VAL A 118 4.74 -7.64 8.78
C VAL A 118 3.51 -7.73 7.91
N ILE A 119 2.44 -7.09 8.36
CA ILE A 119 1.19 -7.11 7.65
C ILE A 119 1.04 -5.93 6.71
N LEU A 120 0.66 -6.22 5.47
CA LEU A 120 0.48 -5.18 4.46
C LEU A 120 -0.96 -5.17 4.01
N VAL A 121 -1.64 -4.06 4.29
CA VAL A 121 -3.04 -3.93 3.93
C VAL A 121 -3.19 -3.37 2.53
N VAL A 122 -4.07 -3.99 1.74
CA VAL A 122 -4.29 -3.56 0.38
C VAL A 122 -5.76 -3.34 0.09
N SER A 123 -6.61 -3.95 0.90
CA SER A 123 -8.07 -3.85 0.77
C SER A 123 -8.54 -2.39 0.69
N ASN A 124 -9.62 -2.14 -0.03
CA ASN A 124 -10.09 -0.77 -0.16
C ASN A 124 -11.38 -0.48 0.63
N PRO A 125 -11.51 0.72 1.26
CA PRO A 125 -10.64 1.91 1.38
C PRO A 125 -9.42 1.66 2.28
N VAL A 126 -8.28 1.45 1.62
CA VAL A 126 -7.02 1.15 2.29
C VAL A 126 -6.72 2.02 3.51
N ASP A 127 -6.85 3.34 3.38
CA ASP A 127 -6.58 4.22 4.50
C ASP A 127 -7.33 3.78 5.74
N ILE A 128 -8.61 3.46 5.56
CA ILE A 128 -9.45 3.04 6.68
C ILE A 128 -9.14 1.65 7.17
N ILE A 129 -9.19 0.69 6.26
CA ILE A 129 -8.92 -0.66 6.66
C ILE A 129 -7.54 -0.82 7.27
N THR A 130 -6.53 -0.14 6.73
CA THR A 130 -5.19 -0.27 7.30
C THR A 130 -5.23 0.05 8.79
N TYR A 131 -5.82 1.19 9.14
CA TYR A 131 -5.93 1.62 10.52
C TYR A 131 -6.71 0.62 11.35
N MET A 132 -7.90 0.30 10.87
CA MET A 132 -8.78 -0.63 11.53
C MET A 132 -8.03 -1.91 11.87
N ILE A 133 -7.48 -2.55 10.83
CA ILE A 133 -6.73 -3.80 10.94
C ILE A 133 -5.59 -3.71 11.94
N GLN A 134 -4.98 -2.55 12.01
CA GLN A 134 -3.87 -2.34 12.93
C GLN A 134 -4.38 -2.51 14.37
N LYS A 135 -5.58 -1.99 14.60
CA LYS A 135 -6.23 -2.05 15.89
C LYS A 135 -6.66 -3.47 16.12
N TRP A 136 -7.58 -3.97 15.29
CA TRP A 136 -8.09 -5.34 15.39
C TRP A 136 -7.00 -6.34 15.80
N SER A 137 -5.84 -6.28 15.13
CA SER A 137 -4.73 -7.18 15.40
C SER A 137 -4.09 -6.98 16.77
N GLY A 138 -4.18 -5.75 17.26
CA GLY A 138 -3.58 -5.44 18.54
C GLY A 138 -2.08 -5.52 18.37
N LEU A 139 -1.63 -5.23 17.16
CA LEU A 139 -0.20 -5.29 16.86
C LEU A 139 0.42 -3.90 16.91
N PRO A 140 1.75 -3.82 17.13
CA PRO A 140 2.41 -2.52 17.18
C PRO A 140 2.06 -1.78 15.90
N VAL A 141 2.03 -0.46 16.01
CA VAL A 141 1.70 0.43 14.91
C VAL A 141 2.78 0.41 13.84
N GLY A 142 3.97 -0.04 14.21
CA GLY A 142 5.06 -0.10 13.28
C GLY A 142 5.06 -1.39 12.49
N LYS A 143 4.13 -2.31 12.81
CA LYS A 143 4.09 -3.59 12.10
C LYS A 143 2.97 -3.76 11.09
N VAL A 144 1.94 -2.94 11.18
CA VAL A 144 0.84 -3.01 10.23
C VAL A 144 0.97 -1.82 9.30
N ILE A 145 0.98 -2.11 8.00
CA ILE A 145 1.14 -1.12 6.94
C ILE A 145 0.15 -1.31 5.82
N GLY A 146 -0.30 -0.19 5.26
CA GLY A 146 -1.23 -0.21 4.14
C GLY A 146 -0.47 0.20 2.88
N SER A 147 -0.93 -0.28 1.73
CA SER A 147 -0.30 0.05 0.46
C SER A 147 -0.36 1.55 0.24
N GLY A 148 -1.23 2.23 0.99
CA GLY A 148 -1.36 3.68 0.88
C GLY A 148 -1.18 4.25 -0.51
N THR A 149 -0.53 5.41 -0.59
CA THR A 149 -0.28 6.07 -1.89
C THR A 149 1.04 5.67 -2.51
N VAL A 150 1.49 4.46 -2.25
CA VAL A 150 2.76 4.04 -2.83
C VAL A 150 2.75 4.16 -4.34
N LEU A 151 1.69 3.65 -4.99
CA LEU A 151 1.56 3.70 -6.44
C LEU A 151 1.39 5.12 -6.95
N ASP A 152 0.62 5.92 -6.22
CA ASP A 152 0.39 7.30 -6.61
C ASP A 152 1.70 8.06 -6.65
N SER A 153 2.56 7.83 -5.66
CA SER A 153 3.84 8.53 -5.61
C SER A 153 4.68 8.06 -6.77
N ILE A 154 4.63 6.78 -7.06
CA ILE A 154 5.40 6.22 -8.15
C ILE A 154 5.01 6.90 -9.46
N ARG A 155 3.72 6.89 -9.77
CA ARG A 155 3.23 7.52 -10.98
C ARG A 155 3.59 9.02 -10.97
N PHE A 156 3.48 9.67 -9.80
CA PHE A 156 3.80 11.09 -9.63
C PHE A 156 5.20 11.43 -10.16
N ARG A 157 6.20 10.67 -9.72
CA ARG A 157 7.56 10.90 -10.17
C ARG A 157 7.67 10.60 -11.64
N TYR A 158 6.99 9.55 -12.09
CA TYR A 158 7.01 9.14 -13.49
C TYR A 158 6.48 10.26 -14.39
N LEU A 159 5.26 10.73 -14.11
CA LEU A 159 4.67 11.81 -14.90
C LEU A 159 5.63 12.99 -15.01
N LEU A 160 6.28 13.35 -13.90
CA LEU A 160 7.24 14.45 -13.88
C LEU A 160 8.38 14.21 -14.86
N SER A 161 9.10 13.12 -14.65
CA SER A 161 10.21 12.78 -15.54
C SER A 161 9.73 12.68 -16.98
N GLU A 162 8.63 11.97 -17.19
CA GLU A 162 8.06 11.77 -18.53
C GLU A 162 7.42 13.05 -19.05
N LYS A 163 7.89 14.20 -18.58
CA LYS A 163 7.35 15.46 -19.06
C LYS A 163 8.38 16.56 -19.02
N LEU A 164 9.50 16.27 -18.36
CA LEU A 164 10.59 17.23 -18.24
C LEU A 164 11.86 16.67 -18.83
N GLY A 165 11.72 15.76 -19.79
CA GLY A 165 12.87 15.19 -20.43
C GLY A 165 13.90 14.56 -19.52
N VAL A 166 13.52 14.36 -18.26
CA VAL A 166 14.40 13.75 -17.27
C VAL A 166 13.88 12.36 -16.95
N ASP A 167 14.72 11.56 -16.31
CA ASP A 167 14.32 10.20 -15.98
C ASP A 167 14.02 10.01 -14.51
N VAL A 168 13.01 9.22 -14.23
CA VAL A 168 12.61 8.98 -12.86
C VAL A 168 13.79 8.84 -11.92
N LYS A 169 14.93 8.39 -12.43
CA LYS A 169 16.12 8.19 -11.60
C LYS A 169 16.44 9.40 -10.71
N ASN A 170 16.36 10.59 -11.28
CA ASN A 170 16.68 11.82 -10.53
C ASN A 170 15.43 12.45 -9.93
N VAL A 171 14.28 12.07 -10.45
CA VAL A 171 13.02 12.61 -9.96
C VAL A 171 12.72 12.12 -8.56
N HIS A 172 12.66 13.07 -7.62
CA HIS A 172 12.37 12.78 -6.23
C HIS A 172 11.15 13.56 -5.76
N GLY A 173 10.03 12.85 -5.62
CA GLY A 173 8.80 13.50 -5.20
C GLY A 173 7.97 12.50 -4.45
N TYR A 174 6.98 12.97 -3.72
CA TYR A 174 6.17 12.05 -2.97
C TYR A 174 4.74 12.49 -2.97
N ILE A 175 3.85 11.52 -2.77
CA ILE A 175 2.43 11.80 -2.70
C ILE A 175 2.04 11.33 -1.30
N ILE A 176 1.72 12.30 -0.44
CA ILE A 176 1.36 11.97 0.93
C ILE A 176 -0.09 12.23 1.20
N GLY A 177 -0.51 11.84 2.40
CA GLY A 177 -1.88 12.04 2.78
C GLY A 177 -2.72 10.81 2.54
N GLU A 178 -4.01 11.06 2.40
CA GLU A 178 -5.00 10.01 2.15
C GLU A 178 -4.99 9.56 0.72
N HIS A 179 -4.99 8.25 0.54
CA HIS A 179 -5.02 7.67 -0.80
C HIS A 179 -6.44 7.83 -1.36
N GLY A 180 -6.79 9.06 -1.70
CA GLY A 180 -8.10 9.33 -2.23
C GLY A 180 -8.06 10.69 -2.89
N ASP A 181 -9.10 11.49 -2.74
CA ASP A 181 -9.11 12.80 -3.37
C ASP A 181 -8.40 13.89 -2.61
N SER A 182 -8.26 13.69 -1.30
CA SER A 182 -7.60 14.69 -0.47
C SER A 182 -6.08 14.57 -0.55
N GLN A 183 -5.57 13.54 -1.21
CA GLN A 183 -4.12 13.39 -1.32
C GLN A 183 -3.51 14.69 -1.85
N LEU A 184 -2.26 14.92 -1.48
CA LEU A 184 -1.57 16.12 -1.95
C LEU A 184 -0.14 15.76 -2.27
N PRO A 185 0.42 16.42 -3.29
CA PRO A 185 1.81 16.16 -3.70
C PRO A 185 2.74 17.08 -2.94
N LEU A 186 3.81 16.47 -2.43
CA LEU A 186 4.80 17.18 -1.66
C LEU A 186 5.72 17.91 -2.61
N TRP A 187 5.27 19.07 -3.06
CA TRP A 187 6.05 19.87 -3.98
C TRP A 187 7.27 20.46 -3.32
N SER A 188 7.09 20.95 -2.10
CA SER A 188 8.17 21.56 -1.34
C SER A 188 9.34 20.59 -1.22
N CYS A 189 9.07 19.30 -1.34
CA CYS A 189 10.15 18.33 -1.23
C CYS A 189 10.26 17.52 -2.50
N THR A 190 10.15 18.16 -3.65
CA THR A 190 10.27 17.43 -4.91
C THR A 190 11.40 18.10 -5.65
N HIS A 191 12.47 17.35 -5.91
CA HIS A 191 13.60 17.93 -6.59
C HIS A 191 14.16 17.05 -7.68
N ILE A 192 14.63 17.68 -8.76
CA ILE A 192 15.22 16.94 -9.88
C ILE A 192 16.73 17.08 -9.78
N ALA A 193 17.36 16.07 -9.20
CA ALA A 193 18.80 16.06 -9.00
C ALA A 193 19.19 17.20 -8.08
N GLY A 194 18.22 17.81 -7.42
CA GLY A 194 18.50 18.91 -6.52
C GLY A 194 17.95 20.22 -7.04
N LYS A 195 17.16 20.16 -8.10
CA LYS A 195 16.53 21.35 -8.69
C LYS A 195 15.06 21.38 -8.31
N ASN A 196 14.65 22.44 -7.64
CA ASN A 196 13.25 22.57 -7.23
C ASN A 196 12.35 22.51 -8.44
N ILE A 197 11.05 22.40 -8.23
CA ILE A 197 10.14 22.34 -9.37
C ILE A 197 10.01 23.73 -9.97
N ASN A 198 10.77 24.69 -9.44
CA ASN A 198 10.70 26.05 -9.98
C ASN A 198 11.56 26.24 -11.23
N GLU A 199 11.15 25.54 -12.29
CA GLU A 199 11.80 25.60 -13.59
C GLU A 199 10.86 26.52 -14.41
N TYR A 200 11.34 27.74 -14.68
CA TYR A 200 10.61 28.79 -15.40
C TYR A 200 9.58 29.39 -14.46
N ASP A 212 0.54 25.27 -13.95
CA ASP A 212 1.49 24.81 -14.97
C ASP A 212 1.57 23.27 -14.90
N LYS A 213 1.82 22.76 -13.69
CA LYS A 213 1.95 21.33 -13.42
C LYS A 213 0.89 20.90 -12.40
N LYS A 214 -0.22 21.62 -12.39
CA LYS A 214 -1.29 21.27 -11.48
C LYS A 214 -2.06 20.11 -12.12
N LYS A 215 -1.61 19.72 -13.31
CA LYS A 215 -2.24 18.61 -14.02
C LYS A 215 -1.64 17.29 -13.52
N ILE A 216 -0.32 17.22 -13.46
CA ILE A 216 0.35 16.02 -13.00
C ILE A 216 -0.36 15.49 -11.76
N ALA A 217 -0.70 16.40 -10.86
CA ALA A 217 -1.39 16.05 -9.61
C ALA A 217 -2.75 15.46 -9.87
N GLU A 218 -3.42 16.01 -10.86
CA GLU A 218 -4.73 15.55 -11.22
C GLU A 218 -4.73 14.12 -11.75
N ASP A 219 -3.93 13.88 -12.78
CA ASP A 219 -3.83 12.56 -13.41
C ASP A 219 -3.47 11.47 -12.43
N VAL A 220 -2.95 11.88 -11.29
CA VAL A 220 -2.56 10.94 -10.27
C VAL A 220 -3.73 10.53 -9.40
N LYS A 221 -4.70 11.43 -9.23
CA LYS A 221 -5.86 11.11 -8.41
C LYS A 221 -7.06 10.72 -9.26
N THR A 222 -6.90 10.86 -10.57
CA THR A 222 -7.96 10.55 -11.54
C THR A 222 -7.76 9.15 -12.13
N ALA A 223 -6.52 8.71 -12.14
CA ALA A 223 -6.15 7.43 -12.70
C ALA A 223 -7.06 6.30 -12.24
N GLY A 224 -7.17 6.10 -10.94
CA GLY A 224 -8.01 5.02 -10.44
C GLY A 224 -9.44 5.07 -10.94
N ALA A 225 -10.04 6.26 -10.86
CA ALA A 225 -11.42 6.47 -11.29
C ALA A 225 -11.65 6.13 -12.76
N THR A 226 -10.79 6.67 -13.62
CA THR A 226 -10.91 6.43 -15.04
C THR A 226 -10.77 4.96 -15.42
N ILE A 227 -9.85 4.28 -14.77
CA ILE A 227 -9.65 2.87 -15.05
C ILE A 227 -10.91 2.07 -14.69
N ILE A 228 -11.47 2.38 -13.52
CA ILE A 228 -12.67 1.69 -13.03
C ILE A 228 -13.85 1.88 -13.99
N LYS A 229 -13.85 2.99 -14.72
CA LYS A 229 -14.90 3.31 -15.67
C LYS A 229 -14.87 2.37 -16.88
N ASN A 230 -13.69 2.16 -17.44
CA ASN A 230 -13.53 1.31 -18.62
C ASN A 230 -13.47 -0.18 -18.32
N LYS A 231 -12.44 -0.57 -17.60
CA LYS A 231 -12.27 -1.98 -17.26
C LYS A 231 -13.31 -2.42 -16.24
N GLY A 232 -13.84 -1.46 -15.48
CA GLY A 232 -14.82 -1.79 -14.47
C GLY A 232 -14.20 -2.40 -13.21
N ALA A 233 -12.87 -2.37 -13.14
CA ALA A 233 -12.12 -2.91 -12.02
C ALA A 233 -10.67 -2.44 -12.10
N THR A 234 -9.85 -2.90 -11.17
CA THR A 234 -8.44 -2.54 -11.13
C THR A 234 -7.74 -3.55 -10.27
N TYR A 235 -6.66 -4.12 -10.77
CA TYR A 235 -5.88 -5.07 -10.01
C TYR A 235 -4.44 -5.24 -10.53
N TYR A 236 -4.16 -4.80 -11.76
CA TYR A 236 -2.80 -4.90 -12.26
C TYR A 236 -1.92 -3.86 -11.56
N GLY A 237 -2.32 -2.60 -11.63
CA GLY A 237 -1.53 -1.57 -10.96
C GLY A 237 -1.27 -1.90 -9.50
N ILE A 238 -2.32 -2.32 -8.80
CA ILE A 238 -2.12 -2.64 -7.39
C ILE A 238 -1.14 -3.84 -7.28
N ALA A 239 -1.44 -4.94 -7.96
CA ALA A 239 -0.60 -6.14 -7.94
C ALA A 239 0.88 -5.76 -8.04
N VAL A 240 1.16 -4.79 -8.90
CA VAL A 240 2.53 -4.32 -9.09
C VAL A 240 2.97 -3.63 -7.81
N SER A 241 2.13 -2.70 -7.37
CA SER A 241 2.41 -1.96 -6.16
C SER A 241 2.80 -2.91 -5.01
N ILE A 242 1.98 -3.93 -4.81
CA ILE A 242 2.24 -4.94 -3.77
C ILE A 242 3.65 -5.46 -4.00
N ASN A 243 3.86 -6.05 -5.16
CA ASN A 243 5.18 -6.57 -5.47
C ASN A 243 6.29 -5.64 -5.02
N THR A 244 6.18 -4.39 -5.44
CA THR A 244 7.14 -3.34 -5.12
C THR A 244 7.43 -3.33 -3.62
N ILE A 245 6.39 -3.03 -2.86
CA ILE A 245 6.46 -2.95 -1.42
C ILE A 245 7.03 -4.22 -0.82
N VAL A 246 6.55 -5.37 -1.25
CA VAL A 246 7.07 -6.62 -0.70
C VAL A 246 8.57 -6.68 -0.92
N GLU A 247 8.99 -6.26 -2.12
CA GLU A 247 10.40 -6.25 -2.52
C GLU A 247 11.18 -5.32 -1.58
N THR A 248 10.62 -4.12 -1.35
CA THR A 248 11.19 -3.12 -0.46
C THR A 248 11.45 -3.69 0.93
N LEU A 249 10.44 -4.36 1.46
CA LEU A 249 10.53 -4.96 2.79
C LEU A 249 11.54 -6.09 2.81
N LEU A 250 11.48 -6.96 1.82
CA LEU A 250 12.40 -8.08 1.80
C LEU A 250 13.84 -7.69 1.57
N LYS A 251 14.09 -6.51 1.02
CA LYS A 251 15.46 -6.12 0.77
C LYS A 251 16.12 -5.40 1.94
N ASN A 252 15.32 -4.72 2.78
CA ASN A 252 15.85 -3.99 3.93
C ASN A 252 16.87 -2.98 3.43
N GLN A 253 16.59 -2.40 2.28
CA GLN A 253 17.47 -1.43 1.64
C GLN A 253 17.24 0.02 2.09
N ASN A 254 16.48 0.20 3.16
CA ASN A 254 16.22 1.54 3.65
C ASN A 254 15.56 2.41 2.58
N THR A 255 14.72 1.79 1.75
CA THR A 255 14.02 2.52 0.70
C THR A 255 12.87 3.27 1.33
N ILE A 256 12.61 4.46 0.81
CA ILE A 256 11.51 5.30 1.29
C ILE A 256 10.27 5.05 0.47
N ARG A 257 9.13 4.88 1.14
CA ARG A 257 7.87 4.63 0.46
C ARG A 257 6.75 5.32 1.21
N THR A 258 5.82 5.91 0.48
CA THR A 258 4.70 6.60 1.11
C THR A 258 3.57 5.63 1.51
N VAL A 259 3.92 4.56 2.22
CA VAL A 259 2.94 3.58 2.67
C VAL A 259 2.08 4.15 3.78
N GLY A 260 0.91 3.55 3.97
CA GLY A 260 -0.01 3.97 5.01
C GLY A 260 0.38 3.47 6.40
N THR A 261 0.40 4.39 7.36
CA THR A 261 0.75 4.08 8.75
C THR A 261 -0.22 4.82 9.67
N VAL A 262 -0.47 4.25 10.84
CA VAL A 262 -1.35 4.88 11.80
C VAL A 262 -0.52 5.97 12.47
N ILE A 263 -0.84 7.21 12.12
CA ILE A 263 -0.14 8.34 12.65
C ILE A 263 -0.78 8.89 13.91
N ASN A 264 0.07 9.38 14.80
CA ASN A 264 -0.37 9.96 16.05
C ASN A 264 0.70 10.84 16.63
N GLY A 265 0.58 12.13 16.35
CA GLY A 265 1.54 13.09 16.87
C GLY A 265 2.46 13.59 15.79
N MET A 266 1.88 14.10 14.72
CA MET A 266 2.71 14.60 13.65
C MET A 266 1.86 15.59 12.89
N TYR A 267 2.43 16.78 12.66
CA TYR A 267 1.73 17.84 11.95
C TYR A 267 0.38 18.12 12.61
N GLY A 268 0.25 17.64 13.85
CA GLY A 268 -0.98 17.82 14.60
C GLY A 268 -2.02 16.79 14.21
N ILE A 269 -1.56 15.70 13.63
CA ILE A 269 -2.46 14.65 13.21
C ILE A 269 -2.52 13.56 14.26
N GLU A 270 -3.74 13.25 14.67
CA GLU A 270 -3.94 12.24 15.71
C GLU A 270 -4.38 10.87 15.20
N ASP A 271 -5.12 10.16 16.04
CA ASP A 271 -5.60 8.84 15.72
C ASP A 271 -6.22 8.79 14.31
N VAL A 272 -5.50 8.18 13.36
CA VAL A 272 -5.94 8.03 11.96
C VAL A 272 -4.80 7.46 11.08
N ALA A 273 -5.14 6.65 10.08
CA ALA A 273 -4.13 6.07 9.20
C ALA A 273 -3.97 6.95 7.96
N ILE A 274 -2.72 7.21 7.62
CA ILE A 274 -2.40 8.07 6.51
C ILE A 274 -1.03 7.75 5.91
N SER A 275 -0.81 8.18 4.67
CA SER A 275 0.45 7.93 3.99
C SER A 275 1.49 9.02 4.21
N LEU A 276 2.72 8.58 4.49
CA LEU A 276 3.85 9.47 4.70
C LEU A 276 5.14 8.72 4.40
N PRO A 277 6.06 9.37 3.70
CA PRO A 277 7.33 8.74 3.36
C PRO A 277 7.94 8.14 4.61
N SER A 278 8.17 6.82 4.57
CA SER A 278 8.74 6.12 5.72
C SER A 278 9.63 4.96 5.30
N ILE A 279 10.75 4.83 6.01
CA ILE A 279 11.70 3.76 5.75
C ILE A 279 11.25 2.49 6.45
N VAL A 280 11.00 1.45 5.67
CA VAL A 280 10.53 0.15 6.14
C VAL A 280 11.45 -1.01 5.78
N ASN A 281 11.30 -2.11 6.51
CA ASN A 281 12.08 -3.31 6.27
C ASN A 281 11.27 -4.57 6.66
N SER A 282 11.85 -5.74 6.46
CA SER A 282 11.16 -7.00 6.74
C SER A 282 10.59 -7.14 8.15
N GLU A 283 10.97 -6.21 9.02
CA GLU A 283 10.55 -6.25 10.42
C GLU A 283 9.87 -4.98 10.88
N GLY A 284 9.00 -4.43 10.06
CA GLY A 284 8.28 -3.23 10.45
C GLY A 284 8.84 -1.91 9.94
N VAL A 285 8.13 -0.83 10.28
CA VAL A 285 8.57 0.48 9.87
C VAL A 285 9.71 0.87 10.78
N GLN A 286 10.72 1.52 10.21
CA GLN A 286 11.86 1.97 10.98
C GLN A 286 11.56 3.38 11.47
N GLU A 287 11.09 4.24 10.56
CA GLU A 287 10.74 5.61 10.90
C GLU A 287 9.97 6.28 9.78
N VAL A 288 9.04 7.14 10.17
CA VAL A 288 8.22 7.88 9.24
C VAL A 288 8.80 9.28 9.07
N LEU A 289 9.67 9.43 8.09
CA LEU A 289 10.32 10.71 7.83
C LEU A 289 9.46 11.95 8.12
N GLN A 290 9.97 12.78 9.03
CA GLN A 290 9.28 13.99 9.44
C GLN A 290 9.68 15.19 8.60
N PHE A 291 9.35 15.16 7.32
CA PHE A 291 9.66 16.27 6.40
C PHE A 291 9.10 17.59 6.93
N ASN A 292 9.75 18.68 6.55
CA ASN A 292 9.32 20.01 6.95
C ASN A 292 8.39 20.49 5.82
N LEU A 293 7.10 20.58 6.11
CA LEU A 293 6.12 20.99 5.12
C LEU A 293 5.75 22.44 5.32
N THR A 294 5.42 23.10 4.22
CA THR A 294 5.05 24.50 4.28
C THR A 294 3.73 24.58 5.01
N PRO A 295 3.34 25.80 5.43
CA PRO A 295 2.08 25.99 6.13
C PRO A 295 0.88 25.50 5.32
N GLU A 296 0.89 25.76 4.02
CA GLU A 296 -0.21 25.32 3.13
C GLU A 296 -0.20 23.79 3.09
N GLU A 297 0.99 23.21 2.97
CA GLU A 297 1.09 21.75 2.91
C GLU A 297 0.71 21.11 4.23
N GLU A 298 1.10 21.72 5.33
CA GLU A 298 0.74 21.18 6.64
C GLU A 298 -0.76 21.28 6.76
N GLU A 299 -1.33 22.34 6.20
CA GLU A 299 -2.77 22.49 6.22
C GLU A 299 -3.33 21.31 5.45
N ALA A 300 -3.05 21.30 4.15
CA ALA A 300 -3.52 20.25 3.27
C ALA A 300 -3.41 18.85 3.88
N LEU A 301 -2.24 18.52 4.41
CA LEU A 301 -2.07 17.22 5.01
C LEU A 301 -3.07 17.05 6.14
N ARG A 302 -3.10 18.03 7.04
CA ARG A 302 -4.03 17.97 8.18
C ARG A 302 -5.45 17.72 7.68
N PHE A 303 -5.90 18.53 6.74
CA PHE A 303 -7.23 18.39 6.17
C PHE A 303 -7.48 16.98 5.70
N SER A 304 -6.56 16.48 4.88
CA SER A 304 -6.61 15.14 4.34
C SER A 304 -6.93 14.14 5.46
N ALA A 305 -6.19 14.22 6.56
CA ALA A 305 -6.40 13.33 7.69
C ALA A 305 -7.85 13.36 8.16
N GLU A 306 -8.42 14.56 8.13
CA GLU A 306 -9.81 14.77 8.56
C GLU A 306 -10.80 13.96 7.74
N GLN A 307 -10.52 13.80 6.45
CA GLN A 307 -11.40 13.02 5.60
C GLN A 307 -11.43 11.58 6.10
N VAL A 308 -10.24 10.99 6.22
CA VAL A 308 -10.15 9.62 6.69
C VAL A 308 -10.82 9.54 8.06
N LYS A 309 -10.52 10.48 8.94
CA LYS A 309 -11.12 10.48 10.28
C LYS A 309 -12.64 10.46 10.23
N LYS A 310 -13.23 11.12 9.23
CA LYS A 310 -14.68 11.14 9.12
C LYS A 310 -15.19 9.71 8.99
N VAL A 311 -14.67 9.01 7.99
CA VAL A 311 -15.10 7.65 7.77
C VAL A 311 -14.87 6.75 8.99
N LEU A 312 -13.69 6.87 9.60
CA LEU A 312 -13.35 6.07 10.77
C LEU A 312 -14.41 6.12 11.87
N ASN A 313 -14.99 7.30 12.06
CA ASN A 313 -16.03 7.48 13.06
C ASN A 313 -17.18 6.54 12.72
N GLU A 314 -17.53 6.50 11.43
CA GLU A 314 -18.61 5.65 10.96
C GLU A 314 -18.31 4.22 11.32
N VAL A 315 -17.05 3.83 11.12
CA VAL A 315 -16.64 2.47 11.42
C VAL A 315 -16.46 2.31 12.93
N LYS A 316 -15.29 1.82 13.34
CA LYS A 316 -14.97 1.60 14.75
C LYS A 316 -16.08 0.84 15.49
N ASN A 317 -16.67 -0.15 14.82
CA ASN A 317 -17.74 -0.97 15.39
C ASN A 317 -17.64 -2.42 14.89
#